data_4JSO
#
_entry.id   4JSO
#
_cell.length_a   56.922
_cell.length_b   89.785
_cell.length_c   108.321
_cell.angle_alpha   90.00
_cell.angle_beta   90.00
_cell.angle_gamma   90.00
#
_symmetry.space_group_name_H-M   'P 21 21 21'
#
loop_
_entity.id
_entity.type
_entity.pdbx_description
1 polymer 'Oligopeptide ABC transporter, periplasmic oligopeptide-binding protein'
2 branched beta-D-glucopyranose-(1-3)-beta-D-glucopyranose-(1-3)-beta-D-glucopyranose-(1-3)-beta-D-glucopyranose-(1-3)-beta-D-glucopyranose
3 non-polymer 'CALCIUM ION'
4 water water
#
_entity_poly.entity_id   1
_entity_poly.type   'polypeptide(L)'
_entity_poly.pdbx_seq_one_letter_code
;SLPREDTVYIGGALWGPATTWNLYAPQSTWGTDQFMYLPAFQYDLGRDAWIPVIAERYEFVDDKTLRIYIRPEARWSDGV
PITADDFVYALELTKELGIGPGGGWDTYIEYVKAVDTKVVEFKAKEENLNYFQFLSYSLGAQPMPKHVYERIRAQMNIKD
WINDKPEEQVVSGPYKLYYYDPNIVVYQRVDDWWGKDIFGLPRPKYLAHVIYKDNPSASLAFERGDIDWNGLFIPSVWEL
WEKKGLPVGTWYKKEPYFIPDGVGFVYVNNTKPGLSDPAVRKAIAYAIPYNEMLKKAYFGYGSQAHPSMVIDLFEPYKQY
IDYELAKKTFGTEDGRIPFDLDMANKILDEAGYKKGPDGVRVGPDGTKLGPYTISVPYGWTDWMMMCEMIAKNLRSIGID
VKTEFPDFSVWADRMTKGTFDLIISWSVGPSFDHPFNIYRFVLDKRLSKPVGEVTWAGDWERYDNDEVVELLDKAVSTLD
PEVRKQAYFRIQQIIYRDMPSIPAFYTAHWYEYSTKYWINWPSEDNPAWFRPSPWHADAWPTLFIISKKSDPQPVPSWLG
TVDEGGIEIPTAKIFEDLQKAT
;
_entity_poly.pdbx_strand_id   A
#
# COMPACT_ATOMS: atom_id res chain seq x y z
N SER A 1 16.66 -3.30 -27.20
CA SER A 1 17.87 -2.58 -27.56
C SER A 1 18.01 -1.29 -26.76
N LEU A 2 17.53 -1.32 -25.53
CA LEU A 2 17.56 -0.15 -24.64
C LEU A 2 18.98 0.29 -24.33
N PRO A 3 19.22 1.61 -24.30
CA PRO A 3 20.52 2.13 -23.86
C PRO A 3 20.75 1.83 -22.38
N ARG A 4 21.64 0.87 -22.13
CA ARG A 4 21.88 0.38 -20.78
C ARG A 4 22.15 1.50 -19.77
N GLU A 5 23.08 2.40 -20.07
CA GLU A 5 23.48 3.40 -19.09
C GLU A 5 22.42 4.50 -18.89
N ASP A 6 21.39 4.49 -19.71
CA ASP A 6 20.27 5.42 -19.58
C ASP A 6 18.98 4.69 -19.18
N THR A 7 19.12 3.43 -18.77
CA THR A 7 17.99 2.59 -18.39
C THR A 7 18.15 2.03 -16.98
N VAL A 8 17.09 2.13 -16.18
CA VAL A 8 17.04 1.47 -14.89
C VAL A 8 16.21 0.19 -14.99
N TYR A 9 16.84 -0.95 -14.69
CA TYR A 9 16.14 -2.22 -14.66
C TYR A 9 15.61 -2.52 -13.27
N ILE A 10 14.33 -2.91 -13.21
CA ILE A 10 13.65 -3.14 -11.94
C ILE A 10 13.29 -4.62 -11.73
N GLY A 11 13.27 -5.05 -10.47
CA GLY A 11 12.76 -6.36 -10.11
C GLY A 11 11.86 -6.28 -8.89
N GLY A 12 11.01 -7.29 -8.71
CA GLY A 12 10.18 -7.40 -7.52
C GLY A 12 8.90 -6.59 -7.47
N ALA A 13 8.60 -5.87 -8.54
CA ALA A 13 7.45 -4.96 -8.55
C ALA A 13 6.33 -5.42 -9.49
N LEU A 14 6.73 -5.94 -10.65
CA LEU A 14 5.80 -6.49 -11.63
C LEU A 14 5.85 -8.02 -11.58
N TRP A 15 4.75 -8.63 -11.15
CA TRP A 15 4.62 -10.08 -11.12
C TRP A 15 3.41 -10.47 -11.95
N GLY A 16 3.57 -11.52 -12.75
CA GLY A 16 2.52 -11.91 -13.67
C GLY A 16 2.53 -10.99 -14.87
N PRO A 17 1.51 -11.10 -15.74
CA PRO A 17 1.54 -10.34 -16.99
C PRO A 17 1.07 -8.90 -16.80
N ALA A 18 1.47 -8.02 -17.70
CA ALA A 18 0.90 -6.69 -17.74
C ALA A 18 -0.59 -6.84 -17.98
N THR A 19 -1.36 -5.91 -17.43
CA THR A 19 -2.80 -5.94 -17.62
C THR A 19 -3.25 -4.71 -18.41
N THR A 20 -3.42 -3.59 -17.70
CA THR A 20 -3.79 -2.33 -18.34
C THR A 20 -2.95 -1.20 -17.77
N TRP A 21 -3.19 -0.01 -18.30
CA TRP A 21 -2.63 1.23 -17.76
C TRP A 21 -3.81 2.15 -17.47
N ASN A 22 -4.85 1.55 -16.93
CA ASN A 22 -6.10 2.23 -16.65
C ASN A 22 -6.43 2.01 -15.17
N LEU A 23 -6.33 3.08 -14.39
CA LEU A 23 -6.62 2.99 -12.96
C LEU A 23 -8.11 2.79 -12.66
N TYR A 24 -8.92 2.65 -13.70
CA TYR A 24 -10.34 2.32 -13.52
C TYR A 24 -10.66 0.88 -13.95
N ALA A 25 -9.64 0.16 -14.39
CA ALA A 25 -9.78 -1.25 -14.79
C ALA A 25 -9.70 -2.14 -13.55
N PRO A 26 -10.12 -3.41 -13.66
CA PRO A 26 -10.00 -4.32 -12.51
C PRO A 26 -8.56 -4.46 -12.01
N GLN A 27 -7.61 -4.51 -12.93
CA GLN A 27 -6.20 -4.49 -12.56
C GLN A 27 -5.44 -3.53 -13.48
N SER A 28 -4.35 -2.99 -12.97
CA SER A 28 -3.43 -2.19 -13.76
C SER A 28 -2.00 -2.65 -13.55
N THR A 29 -1.14 -2.22 -14.46
CA THR A 29 0.24 -2.65 -14.50
C THR A 29 1.13 -1.76 -13.64
N TRP A 30 2.08 -2.39 -12.92
CA TRP A 30 3.08 -1.66 -12.15
C TRP A 30 3.67 -0.50 -12.96
N GLY A 31 3.67 0.68 -12.36
CA GLY A 31 4.21 1.85 -13.02
C GLY A 31 3.15 2.86 -13.38
N THR A 32 1.90 2.41 -13.51
CA THR A 32 0.80 3.28 -13.90
C THR A 32 0.52 4.34 -12.83
N ASP A 33 0.12 3.91 -11.65
CA ASP A 33 -0.18 4.86 -10.58
C ASP A 33 1.11 5.50 -10.09
N GLN A 34 2.18 4.71 -10.04
CA GLN A 34 3.45 5.19 -9.50
C GLN A 34 4.08 6.33 -10.31
N PHE A 35 4.15 6.16 -11.63
CA PHE A 35 4.92 7.09 -12.48
C PHE A 35 4.08 7.88 -13.51
N MET A 36 2.93 7.36 -13.92
CA MET A 36 2.15 8.03 -14.96
C MET A 36 1.22 9.11 -14.45
N TYR A 37 0.71 8.93 -13.24
CA TYR A 37 -0.25 9.87 -12.68
C TYR A 37 0.19 10.39 -11.31
N LEU A 38 0.40 11.69 -11.21
CA LEU A 38 0.88 12.33 -9.98
C LEU A 38 -0.25 13.00 -9.18
N PRO A 39 -0.02 13.30 -7.89
CA PRO A 39 -1.09 13.90 -7.09
C PRO A 39 -0.95 15.43 -7.02
N ALA A 40 -1.95 16.10 -6.44
CA ALA A 40 -1.85 17.52 -6.16
C ALA A 40 -0.63 17.72 -5.25
N PHE A 41 -0.64 17.01 -4.11
CA PHE A 41 0.48 17.02 -3.17
C PHE A 41 0.98 15.60 -2.95
N GLN A 42 2.30 15.44 -2.86
CA GLN A 42 2.87 14.15 -2.55
C GLN A 42 3.28 14.09 -1.09
N TYR A 43 2.68 13.19 -0.32
CA TYR A 43 3.07 13.04 1.07
C TYR A 43 4.48 12.46 1.17
N ASP A 44 5.27 13.04 2.07
CA ASP A 44 6.64 12.60 2.32
C ASP A 44 6.73 12.05 3.73
N LEU A 45 6.65 10.72 3.85
CA LEU A 45 6.72 10.04 5.14
C LEU A 45 8.02 10.33 5.89
N GLY A 46 9.14 10.29 5.18
CA GLY A 46 10.43 10.54 5.77
C GLY A 46 10.58 11.87 6.50
N ARG A 47 9.90 12.90 5.99
CA ARG A 47 10.02 14.23 6.58
C ARG A 47 8.73 14.70 7.26
N ASP A 48 7.70 13.85 7.22
CA ASP A 48 6.34 14.26 7.59
C ASP A 48 5.99 15.62 6.96
N ALA A 49 6.07 15.67 5.63
CA ALA A 49 5.84 16.91 4.93
C ALA A 49 5.19 16.60 3.59
N TRP A 50 4.78 17.65 2.88
CA TRP A 50 4.06 17.47 1.62
C TRP A 50 4.74 18.22 0.48
N ILE A 51 5.06 17.52 -0.60
CA ILE A 51 5.58 18.16 -1.79
C ILE A 51 4.42 18.73 -2.60
N PRO A 52 4.44 20.04 -2.86
CA PRO A 52 3.48 20.55 -3.85
C PRO A 52 3.90 20.09 -5.24
N VAL A 53 3.13 19.17 -5.84
CA VAL A 53 3.46 18.66 -7.17
C VAL A 53 2.61 19.35 -8.25
N ILE A 54 1.44 18.79 -8.55
CA ILE A 54 0.57 19.39 -9.55
C ILE A 54 0.02 20.69 -8.98
N ALA A 55 -0.18 20.72 -7.67
CA ALA A 55 -0.63 21.92 -6.98
C ALA A 55 0.57 22.70 -6.44
N GLU A 56 0.43 24.01 -6.33
CA GLU A 56 1.51 24.84 -5.80
C GLU A 56 1.26 25.33 -4.37
N ARG A 57 -0.01 25.41 -3.99
CA ARG A 57 -0.37 25.83 -2.65
C ARG A 57 -1.83 25.52 -2.33
N TYR A 58 -2.17 25.64 -1.04
CA TYR A 58 -3.54 25.45 -0.58
C TYR A 58 -3.98 26.67 0.22
N GLU A 59 -5.28 26.80 0.42
CA GLU A 59 -5.81 27.81 1.34
C GLU A 59 -7.07 27.25 1.99
N PHE A 60 -7.10 27.25 3.32
CA PHE A 60 -8.35 26.99 4.02
C PHE A 60 -9.20 28.25 3.96
N VAL A 61 -10.38 28.16 3.36
CA VAL A 61 -11.34 29.26 3.40
C VAL A 61 -11.95 29.27 4.81
N ASP A 62 -12.37 28.09 5.25
CA ASP A 62 -12.58 27.83 6.67
C ASP A 62 -12.01 26.45 6.97
N ASP A 63 -12.20 25.97 8.18
CA ASP A 63 -11.60 24.69 8.58
C ASP A 63 -12.21 23.48 7.88
N LYS A 64 -13.31 23.71 7.14
CA LYS A 64 -13.98 22.61 6.45
C LYS A 64 -14.04 22.82 4.94
N THR A 65 -13.35 23.86 4.47
CA THR A 65 -13.42 24.24 3.06
C THR A 65 -12.01 24.59 2.56
N LEU A 66 -11.46 23.72 1.72
CA LEU A 66 -10.07 23.85 1.31
C LEU A 66 -9.96 24.08 -0.19
N ARG A 67 -9.19 25.08 -0.56
CA ARG A 67 -8.95 25.36 -1.96
C ARG A 67 -7.54 24.95 -2.33
N ILE A 68 -7.42 24.31 -3.48
CA ILE A 68 -6.13 23.89 -3.98
C ILE A 68 -5.84 24.55 -5.32
N TYR A 69 -4.66 25.16 -5.41
CA TYR A 69 -4.31 25.96 -6.56
C TYR A 69 -3.34 25.20 -7.45
N ILE A 70 -3.80 24.87 -8.64
CA ILE A 70 -3.02 24.09 -9.59
C ILE A 70 -1.91 24.94 -10.18
N ARG A 71 -0.70 24.39 -10.27
CA ARG A 71 0.39 25.10 -10.93
C ARG A 71 -0.02 25.48 -12.35
N PRO A 72 0.28 26.72 -12.76
CA PRO A 72 0.00 27.17 -14.12
C PRO A 72 0.69 26.29 -15.14
N GLU A 73 1.90 25.84 -14.81
CA GLU A 73 2.72 25.02 -15.69
C GLU A 73 2.20 23.59 -15.83
N ALA A 74 1.36 23.17 -14.89
CA ALA A 74 0.91 21.77 -14.84
C ALA A 74 0.09 21.41 -16.09
N ARG A 75 0.60 20.45 -16.85
CA ARG A 75 0.08 20.20 -18.19
C ARG A 75 0.21 18.72 -18.55
N TRP A 76 -0.84 18.16 -19.11
CA TRP A 76 -0.81 16.75 -19.55
C TRP A 76 0.25 16.59 -20.64
N SER A 77 0.69 15.36 -20.85
CA SER A 77 1.78 15.10 -21.79
C SER A 77 1.41 15.39 -23.24
N ASP A 78 0.12 15.57 -23.52
CA ASP A 78 -0.32 15.95 -24.87
C ASP A 78 -0.36 17.47 -25.04
N GLY A 79 -0.13 18.21 -23.96
CA GLY A 79 -0.07 19.66 -24.03
C GLY A 79 -1.29 20.35 -23.46
N VAL A 80 -2.34 19.57 -23.16
CA VAL A 80 -3.55 20.13 -22.58
C VAL A 80 -3.30 20.45 -21.11
N PRO A 81 -3.53 21.72 -20.71
CA PRO A 81 -3.39 22.14 -19.31
C PRO A 81 -4.11 21.18 -18.37
N ILE A 82 -3.50 20.85 -17.23
CA ILE A 82 -4.20 20.17 -16.16
C ILE A 82 -5.06 21.20 -15.43
N THR A 83 -6.35 20.92 -15.31
CA THR A 83 -7.28 21.91 -14.79
C THR A 83 -8.14 21.35 -13.68
N ALA A 84 -8.89 22.21 -13.01
CA ALA A 84 -9.71 21.79 -11.88
C ALA A 84 -10.76 20.77 -12.31
N ASP A 85 -11.22 20.89 -13.56
CA ASP A 85 -12.14 19.92 -14.13
C ASP A 85 -11.58 18.51 -14.11
N ASP A 86 -10.27 18.39 -14.29
CA ASP A 86 -9.62 17.07 -14.26
C ASP A 86 -9.73 16.44 -12.88
N PHE A 87 -9.68 17.28 -11.84
CA PHE A 87 -9.76 16.80 -10.47
C PHE A 87 -11.17 16.36 -10.13
N VAL A 88 -12.14 17.20 -10.50
CA VAL A 88 -13.55 16.88 -10.32
C VAL A 88 -13.88 15.58 -11.04
N TYR A 89 -13.46 15.49 -12.29
CA TYR A 89 -13.77 14.34 -13.14
C TYR A 89 -13.27 13.02 -12.56
N ALA A 90 -12.03 13.03 -12.09
CA ALA A 90 -11.40 11.83 -11.55
C ALA A 90 -12.22 11.24 -10.40
N LEU A 91 -12.55 12.10 -9.43
CA LEU A 91 -13.31 11.67 -8.26
C LEU A 91 -14.75 11.28 -8.60
N GLU A 92 -15.43 12.09 -9.41
CA GLU A 92 -16.80 11.76 -9.83
C GLU A 92 -16.87 10.45 -10.59
N LEU A 93 -15.86 10.16 -11.41
CA LEU A 93 -15.83 8.92 -12.16
C LEU A 93 -15.61 7.71 -11.25
N THR A 94 -14.77 7.88 -10.22
CA THR A 94 -14.55 6.82 -9.23
C THR A 94 -15.83 6.48 -8.47
N LYS A 95 -16.57 7.52 -8.09
CA LYS A 95 -17.86 7.33 -7.43
C LYS A 95 -18.87 6.63 -8.36
N GLU A 96 -18.86 6.99 -9.63
CA GLU A 96 -19.81 6.42 -10.58
C GLU A 96 -19.52 4.94 -10.86
N LEU A 97 -18.24 4.62 -11.02
CA LEU A 97 -17.84 3.27 -11.42
C LEU A 97 -17.65 2.30 -10.27
N GLY A 98 -17.58 2.83 -9.05
CA GLY A 98 -17.36 2.01 -7.87
C GLY A 98 -15.93 1.53 -7.75
N ILE A 99 -15.03 2.20 -8.47
CA ILE A 99 -13.63 1.81 -8.53
C ILE A 99 -12.80 2.95 -9.11
N GLY A 100 -11.54 3.05 -8.71
CA GLY A 100 -10.66 4.09 -9.21
C GLY A 100 -9.95 4.82 -8.09
N PRO A 101 -9.01 5.70 -8.44
CA PRO A 101 -8.25 6.46 -7.44
C PRO A 101 -9.12 7.38 -6.58
N GLY A 102 -8.83 7.40 -5.28
CA GLY A 102 -9.55 8.26 -4.37
C GLY A 102 -10.84 7.65 -3.85
N GLY A 103 -10.90 6.32 -3.88
CA GLY A 103 -12.09 5.59 -3.46
C GLY A 103 -12.54 5.90 -2.05
N GLY A 104 -13.83 6.21 -1.90
CA GLY A 104 -14.42 6.53 -0.61
C GLY A 104 -14.43 8.01 -0.29
N TRP A 105 -13.93 8.82 -1.22
CA TRP A 105 -13.87 10.27 -1.04
C TRP A 105 -15.25 10.85 -0.70
N ASP A 106 -16.29 10.33 -1.32
CA ASP A 106 -17.64 10.89 -1.15
C ASP A 106 -18.19 10.67 0.26
N THR A 107 -17.56 9.78 1.02
CA THR A 107 -17.96 9.52 2.39
C THR A 107 -17.61 10.69 3.30
N TYR A 108 -16.45 11.30 3.06
CA TYR A 108 -15.95 12.36 3.93
C TYR A 108 -15.81 13.71 3.25
N ILE A 109 -15.96 13.72 1.93
CA ILE A 109 -15.97 14.97 1.18
C ILE A 109 -17.38 15.25 0.70
N GLU A 110 -17.92 16.42 1.01
CA GLU A 110 -19.27 16.77 0.58
C GLU A 110 -19.31 16.99 -0.92
N TYR A 111 -18.40 17.83 -1.42
CA TYR A 111 -18.29 18.06 -2.85
C TYR A 111 -16.87 18.40 -3.25
N VAL A 112 -16.54 18.13 -4.50
CA VAL A 112 -15.33 18.69 -5.09
C VAL A 112 -15.74 19.54 -6.30
N LYS A 113 -15.25 20.77 -6.35
CA LYS A 113 -15.77 21.72 -7.33
C LYS A 113 -14.68 22.55 -8.00
N ALA A 114 -14.84 22.76 -9.31
CA ALA A 114 -13.93 23.60 -10.07
C ALA A 114 -14.39 25.06 -10.02
N VAL A 115 -13.88 25.80 -9.05
CA VAL A 115 -14.28 27.19 -8.87
C VAL A 115 -13.57 28.13 -9.87
N ASP A 116 -12.51 27.64 -10.49
CA ASP A 116 -11.82 28.35 -11.57
C ASP A 116 -10.92 27.36 -12.29
N THR A 117 -10.25 27.81 -13.35
CA THR A 117 -9.50 26.91 -14.22
C THR A 117 -8.37 26.16 -13.51
N LYS A 118 -7.64 26.88 -12.65
CA LYS A 118 -6.55 26.30 -11.89
C LYS A 118 -6.83 26.31 -10.40
N VAL A 119 -8.11 26.32 -10.02
CA VAL A 119 -8.48 26.28 -8.61
C VAL A 119 -9.59 25.29 -8.31
N VAL A 120 -9.29 24.28 -7.50
N VAL A 120 -9.27 24.28 -7.49
CA VAL A 120 -10.29 23.29 -7.11
CA VAL A 120 -10.24 23.28 -7.07
C VAL A 120 -10.63 23.43 -5.63
C VAL A 120 -10.66 23.58 -5.65
N GLU A 121 -11.91 23.28 -5.31
CA GLU A 121 -12.37 23.45 -3.94
C GLU A 121 -12.95 22.15 -3.38
N PHE A 122 -12.46 21.76 -2.21
CA PHE A 122 -12.98 20.60 -1.49
C PHE A 122 -13.70 21.04 -0.23
N LYS A 123 -14.88 20.46 0.00
CA LYS A 123 -15.66 20.75 1.20
C LYS A 123 -15.87 19.48 2.02
N ALA A 124 -15.59 19.55 3.32
CA ALA A 124 -15.72 18.39 4.19
C ALA A 124 -17.18 18.15 4.54
N LYS A 125 -17.61 16.89 4.43
CA LYS A 125 -18.95 16.52 4.84
C LYS A 125 -19.05 16.69 6.36
N GLU A 126 -20.12 17.34 6.81
CA GLU A 126 -20.27 17.76 8.20
C GLU A 126 -20.82 16.66 9.11
N GLU A 127 -21.70 15.83 8.57
CA GLU A 127 -22.45 14.83 9.34
C GLU A 127 -21.52 13.79 9.98
N ASN A 128 -20.43 13.48 9.27
CA ASN A 128 -19.41 12.57 9.80
C ASN A 128 -18.03 13.21 9.60
N LEU A 129 -17.85 14.37 10.21
CA LEU A 129 -16.64 15.18 10.02
C LEU A 129 -15.39 14.39 10.39
N ASN A 130 -14.47 14.30 9.44
CA ASN A 130 -13.19 13.65 9.64
C ASN A 130 -12.09 14.46 8.97
N TYR A 131 -11.37 15.24 9.76
CA TYR A 131 -10.32 16.11 9.25
C TYR A 131 -9.17 15.37 8.53
N PHE A 132 -8.83 14.18 9.02
CA PHE A 132 -7.77 13.39 8.38
C PHE A 132 -8.12 13.01 6.94
N GLN A 133 -9.31 12.43 6.77
CA GLN A 133 -9.78 12.01 5.45
C GLN A 133 -10.05 13.20 4.55
N PHE A 134 -10.51 14.28 5.16
CA PHE A 134 -10.70 15.54 4.46
C PHE A 134 -9.37 15.96 3.85
N LEU A 135 -8.30 15.91 4.66
CA LEU A 135 -6.98 16.32 4.17
C LEU A 135 -6.39 15.32 3.18
N SER A 136 -6.59 14.03 3.47
CA SER A 136 -6.02 12.95 2.66
C SER A 136 -6.55 12.96 1.23
N TYR A 137 -7.87 13.02 1.10
CA TYR A 137 -8.53 12.98 -0.20
C TYR A 137 -8.30 14.24 -1.03
N SER A 138 -8.15 15.38 -0.36
N SER A 138 -8.15 15.37 -0.35
CA SER A 138 -7.96 16.65 -1.06
CA SER A 138 -7.96 16.65 -1.04
C SER A 138 -6.51 16.87 -1.48
C SER A 138 -6.52 16.88 -1.47
N LEU A 139 -5.60 16.91 -0.50
CA LEU A 139 -4.19 17.14 -0.79
C LEU A 139 -3.62 16.04 -1.69
N GLY A 140 -4.04 14.81 -1.46
CA GLY A 140 -3.57 13.70 -2.25
C GLY A 140 -4.34 13.43 -3.54
N ALA A 141 -5.34 14.26 -3.85
CA ALA A 141 -6.16 14.07 -5.04
C ALA A 141 -5.33 13.86 -6.31
N GLN A 142 -5.71 12.86 -7.11
CA GLN A 142 -5.07 12.61 -8.39
C GLN A 142 -6.01 12.97 -9.53
N PRO A 143 -5.64 13.99 -10.32
CA PRO A 143 -6.51 14.33 -11.45
C PRO A 143 -6.37 13.25 -12.52
N MET A 144 -7.36 13.14 -13.40
CA MET A 144 -7.28 12.24 -14.55
C MET A 144 -7.73 13.03 -15.78
N PRO A 145 -7.14 12.71 -16.95
CA PRO A 145 -7.37 13.55 -18.14
C PRO A 145 -8.79 13.42 -18.68
N LYS A 146 -9.67 14.33 -18.23
CA LYS A 146 -11.08 14.33 -18.63
C LYS A 146 -11.27 14.27 -20.15
N HIS A 147 -10.49 15.05 -20.89
CA HIS A 147 -10.63 15.11 -22.35
C HIS A 147 -10.26 13.77 -23.00
N VAL A 148 -9.46 12.97 -22.31
CA VAL A 148 -9.08 11.64 -22.81
C VAL A 148 -10.17 10.62 -22.51
N TYR A 149 -10.55 10.54 -21.24
CA TYR A 149 -11.51 9.54 -20.77
C TYR A 149 -12.90 9.68 -21.38
N GLU A 150 -13.34 10.92 -21.60
CA GLU A 150 -14.64 11.16 -22.22
C GLU A 150 -14.71 10.59 -23.62
N ARG A 151 -13.64 10.74 -24.38
CA ARG A 151 -13.53 10.15 -25.71
C ARG A 151 -13.63 8.62 -25.61
N ILE A 152 -13.01 8.05 -24.58
CA ILE A 152 -13.02 6.61 -24.39
C ILE A 152 -14.42 6.06 -24.09
N ARG A 153 -15.17 6.78 -23.25
CA ARG A 153 -16.50 6.31 -22.85
C ARG A 153 -17.52 6.38 -23.98
N ALA A 154 -17.33 7.32 -24.90
CA ALA A 154 -18.20 7.41 -26.06
C ALA A 154 -17.94 6.22 -26.97
N GLN A 155 -16.79 5.59 -26.78
CA GLN A 155 -16.30 4.54 -27.65
C GLN A 155 -16.47 3.14 -27.05
N MET A 156 -16.35 3.04 -25.73
CA MET A 156 -16.44 1.76 -25.04
C MET A 156 -16.72 1.94 -23.55
N ASN A 157 -16.94 0.84 -22.85
CA ASN A 157 -17.00 0.88 -21.39
C ASN A 157 -15.62 1.20 -20.83
N ILE A 158 -15.56 2.14 -19.89
CA ILE A 158 -14.28 2.63 -19.34
C ILE A 158 -13.48 1.49 -18.70
N LYS A 159 -14.19 0.60 -18.01
CA LYS A 159 -13.53 -0.50 -17.30
C LYS A 159 -12.82 -1.46 -18.26
N ASP A 160 -13.21 -1.44 -19.52
CA ASP A 160 -12.65 -2.37 -20.51
C ASP A 160 -11.47 -1.77 -21.28
N TRP A 161 -11.18 -0.50 -21.02
CA TRP A 161 -10.11 0.19 -21.74
C TRP A 161 -8.74 -0.25 -21.24
N ILE A 162 -7.82 -0.52 -22.17
CA ILE A 162 -6.50 -1.01 -21.82
C ILE A 162 -5.47 0.12 -21.69
N ASN A 163 -5.62 1.18 -22.49
CA ASN A 163 -4.69 2.31 -22.48
C ASN A 163 -3.26 1.84 -22.74
N ASP A 164 -3.08 1.01 -23.76
CA ASP A 164 -1.77 0.39 -24.00
C ASP A 164 -1.05 0.88 -25.26
N LYS A 165 -1.51 1.98 -25.83
CA LYS A 165 -0.87 2.55 -27.02
C LYS A 165 -0.02 3.74 -26.60
N PRO A 166 1.32 3.60 -26.67
CA PRO A 166 2.26 4.62 -26.21
C PRO A 166 1.96 6.00 -26.78
N GLU A 167 1.71 6.09 -28.08
CA GLU A 167 1.50 7.37 -28.75
C GLU A 167 0.20 8.07 -28.33
N GLU A 168 -0.70 7.32 -27.72
CA GLU A 168 -1.99 7.89 -27.31
C GLU A 168 -2.02 8.18 -25.82
N GLN A 169 -1.06 7.63 -25.08
CA GLN A 169 -1.06 7.77 -23.63
C GLN A 169 -0.86 9.21 -23.18
N VAL A 170 -1.72 9.65 -22.28
CA VAL A 170 -1.68 11.01 -21.76
C VAL A 170 -1.50 10.97 -20.25
N VAL A 171 -0.40 11.53 -19.78
CA VAL A 171 0.01 11.36 -18.38
C VAL A 171 0.39 12.67 -17.73
N SER A 172 0.43 12.68 -16.40
CA SER A 172 0.86 13.85 -15.64
C SER A 172 2.27 13.68 -15.07
N GLY A 173 2.74 12.43 -15.06
CA GLY A 173 4.07 12.13 -14.57
C GLY A 173 5.12 12.24 -15.67
N PRO A 174 6.39 12.00 -15.31
CA PRO A 174 7.55 12.10 -16.19
C PRO A 174 7.81 10.82 -17.01
N TYR A 175 6.99 9.80 -16.85
CA TYR A 175 7.12 8.60 -17.66
C TYR A 175 5.79 8.15 -18.24
N LYS A 176 5.87 7.43 -19.34
CA LYS A 176 4.71 6.73 -19.87
C LYS A 176 5.17 5.47 -20.59
N LEU A 177 4.22 4.62 -20.96
CA LEU A 177 4.55 3.35 -21.60
C LEU A 177 5.31 3.51 -22.91
N TYR A 178 6.37 2.73 -23.06
CA TYR A 178 7.17 2.69 -24.28
C TYR A 178 6.92 1.39 -25.07
N TYR A 179 6.98 0.26 -24.37
CA TYR A 179 6.84 -1.04 -25.02
C TYR A 179 6.58 -2.13 -24.00
N TYR A 180 5.83 -3.15 -24.40
CA TYR A 180 5.65 -4.33 -23.54
C TYR A 180 5.37 -5.61 -24.34
N ASP A 181 5.54 -6.75 -23.67
CA ASP A 181 5.24 -8.06 -24.23
C ASP A 181 5.12 -9.04 -23.05
N PRO A 182 4.93 -10.36 -23.33
CA PRO A 182 4.86 -11.28 -22.18
C PRO A 182 6.06 -11.26 -21.24
N ASN A 183 7.19 -10.75 -21.69
CA ASN A 183 8.42 -10.85 -20.91
C ASN A 183 8.96 -9.55 -20.33
N ILE A 184 8.32 -8.43 -20.60
CA ILE A 184 8.87 -7.16 -20.12
C ILE A 184 7.88 -6.00 -20.24
N VAL A 185 8.03 -5.01 -19.35
CA VAL A 185 7.34 -3.74 -19.49
C VAL A 185 8.36 -2.61 -19.40
N VAL A 186 8.28 -1.66 -20.32
CA VAL A 186 9.26 -0.59 -20.42
C VAL A 186 8.56 0.79 -20.43
N TYR A 187 9.08 1.71 -19.65
CA TYR A 187 8.57 3.08 -19.65
C TYR A 187 9.64 4.00 -20.22
N GLN A 188 9.22 5.04 -20.93
CA GLN A 188 10.15 6.03 -21.45
C GLN A 188 9.87 7.40 -20.84
N ARG A 189 10.93 8.13 -20.54
CA ARG A 189 10.82 9.48 -20.00
C ARG A 189 10.09 10.42 -20.97
N VAL A 190 9.31 11.33 -20.40
CA VAL A 190 8.70 12.40 -21.18
C VAL A 190 9.60 13.63 -21.08
N ASP A 191 10.45 13.83 -22.10
CA ASP A 191 11.54 14.82 -22.01
C ASP A 191 11.08 16.26 -21.81
N ASP A 192 9.86 16.57 -22.25
CA ASP A 192 9.30 17.91 -22.08
C ASP A 192 8.18 17.89 -21.05
N TRP A 193 8.33 17.00 -20.07
CA TRP A 193 7.45 16.93 -18.90
C TRP A 193 7.26 18.32 -18.29
N TRP A 194 6.01 18.66 -17.97
CA TRP A 194 5.67 19.98 -17.45
C TRP A 194 6.49 20.39 -16.23
N GLY A 195 6.91 19.40 -15.44
CA GLY A 195 7.58 19.69 -14.18
C GLY A 195 9.07 19.91 -14.34
N LYS A 196 9.53 19.93 -15.59
CA LYS A 196 10.96 20.05 -15.87
C LYS A 196 11.64 21.23 -15.16
N ASP A 197 11.02 22.41 -15.19
CA ASP A 197 11.66 23.59 -14.60
C ASP A 197 11.65 23.57 -13.08
N ILE A 198 10.53 23.15 -12.50
CA ILE A 198 10.39 23.13 -11.06
C ILE A 198 11.13 21.96 -10.40
N PHE A 199 11.06 20.78 -11.00
CA PHE A 199 11.60 19.57 -10.37
C PHE A 199 12.84 19.03 -11.07
N GLY A 200 13.10 19.50 -12.29
CA GLY A 200 14.13 18.90 -13.11
C GLY A 200 13.57 17.68 -13.81
N LEU A 201 14.38 17.03 -14.64
CA LEU A 201 14.01 15.77 -15.25
C LEU A 201 14.54 14.61 -14.40
N PRO A 202 13.77 13.51 -14.30
CA PRO A 202 14.36 12.32 -13.69
C PRO A 202 15.48 11.86 -14.60
N ARG A 203 16.54 11.31 -14.03
CA ARG A 203 17.76 11.00 -14.79
C ARG A 203 17.71 9.76 -15.70
N PRO A 204 16.95 8.71 -15.34
CA PRO A 204 16.84 7.59 -16.28
C PRO A 204 15.92 7.87 -17.45
N LYS A 205 16.35 7.52 -18.65
CA LYS A 205 15.52 7.69 -19.84
C LYS A 205 14.48 6.56 -19.93
N TYR A 206 14.83 5.39 -19.40
CA TYR A 206 13.94 4.23 -19.44
C TYR A 206 13.82 3.52 -18.10
N LEU A 207 12.62 3.07 -17.78
CA LEU A 207 12.41 2.14 -16.67
C LEU A 207 11.99 0.80 -17.26
N ALA A 208 12.75 -0.25 -16.96
CA ALA A 208 12.48 -1.56 -17.55
C ALA A 208 12.33 -2.65 -16.49
N HIS A 209 11.22 -3.36 -16.57
CA HIS A 209 11.00 -4.47 -15.67
C HIS A 209 10.82 -5.75 -16.46
N VAL A 210 11.85 -6.60 -16.45
CA VAL A 210 11.73 -7.93 -17.04
C VAL A 210 10.78 -8.69 -16.12
N ILE A 211 9.89 -9.48 -16.70
CA ILE A 211 8.96 -10.24 -15.90
C ILE A 211 9.57 -11.59 -15.53
N TYR A 212 10.06 -11.68 -14.30
CA TYR A 212 10.64 -12.92 -13.78
C TYR A 212 9.58 -13.77 -13.12
N LYS A 213 9.66 -15.09 -13.33
CA LYS A 213 8.63 -16.02 -12.84
C LYS A 213 8.64 -16.22 -11.32
N ASP A 214 9.80 -16.00 -10.69
CA ASP A 214 9.92 -16.28 -9.25
C ASP A 214 11.13 -15.59 -8.62
N ASN A 215 11.15 -15.57 -7.30
CA ASN A 215 12.26 -14.97 -6.56
C ASN A 215 13.66 -15.44 -6.96
N PRO A 216 13.89 -16.77 -7.01
CA PRO A 216 15.27 -17.19 -7.36
C PRO A 216 15.75 -16.69 -8.71
N SER A 217 14.87 -16.66 -9.72
CA SER A 217 15.29 -16.22 -11.04
C SER A 217 15.55 -14.71 -11.06
N ALA A 218 14.74 -13.95 -10.35
CA ALA A 218 14.98 -12.52 -10.20
C ALA A 218 16.29 -12.26 -9.43
N SER A 219 16.52 -13.07 -8.40
CA SER A 219 17.73 -12.95 -7.59
C SER A 219 19.00 -13.16 -8.39
N LEU A 220 18.96 -14.13 -9.30
CA LEU A 220 20.09 -14.39 -10.20
C LEU A 220 20.37 -13.16 -11.05
N ALA A 221 19.31 -12.61 -11.64
CA ALA A 221 19.44 -11.41 -12.45
C ALA A 221 20.09 -10.31 -11.63
N PHE A 222 19.67 -10.18 -10.37
CA PHE A 222 20.23 -9.14 -9.51
C PHE A 222 21.71 -9.38 -9.25
N GLU A 223 22.07 -10.63 -8.97
CA GLU A 223 23.46 -10.96 -8.67
C GLU A 223 24.39 -10.76 -9.86
N ARG A 224 23.85 -10.89 -11.07
N ARG A 224 23.84 -10.88 -11.06
CA ARG A 224 24.68 -10.79 -12.28
CA ARG A 224 24.66 -10.79 -12.27
C ARG A 224 24.62 -9.41 -12.95
C ARG A 224 24.62 -9.42 -12.95
N GLY A 225 24.08 -8.43 -12.24
CA GLY A 225 24.12 -7.05 -12.71
C GLY A 225 22.92 -6.56 -13.51
N ASP A 226 21.91 -7.40 -13.66
CA ASP A 226 20.81 -7.10 -14.59
C ASP A 226 19.63 -6.34 -13.99
N ILE A 227 19.67 -6.10 -12.67
CA ILE A 227 18.64 -5.30 -12.02
C ILE A 227 19.29 -4.16 -11.22
N ASP A 228 18.91 -2.92 -11.50
CA ASP A 228 19.49 -1.76 -10.80
C ASP A 228 18.74 -1.42 -9.51
N TRP A 229 17.41 -1.58 -9.58
CA TRP A 229 16.51 -1.06 -8.57
C TRP A 229 15.56 -2.18 -8.20
N ASN A 230 15.81 -2.84 -7.07
CA ASN A 230 15.12 -4.08 -6.74
C ASN A 230 14.17 -3.93 -5.54
N GLY A 231 13.04 -4.61 -5.60
CA GLY A 231 12.09 -4.64 -4.50
C GLY A 231 11.75 -6.07 -4.13
N LEU A 232 12.78 -6.88 -3.94
CA LEU A 232 12.64 -8.33 -3.79
C LEU A 232 12.87 -8.82 -2.37
N PHE A 233 12.22 -9.91 -2.00
CA PHE A 233 12.70 -10.71 -0.87
C PHE A 233 13.96 -11.42 -1.34
N ILE A 234 15.02 -11.32 -0.56
CA ILE A 234 16.25 -12.03 -0.87
C ILE A 234 16.79 -12.68 0.39
N PRO A 235 16.97 -14.02 0.36
CA PRO A 235 17.53 -14.72 1.52
C PRO A 235 18.97 -14.26 1.76
N SER A 236 19.34 -14.06 3.02
CA SER A 236 20.70 -13.68 3.40
C SER A 236 21.25 -12.56 2.54
N VAL A 237 20.53 -11.45 2.47
CA VAL A 237 20.85 -10.40 1.51
C VAL A 237 22.27 -9.85 1.70
N TRP A 238 22.73 -9.77 2.94
CA TRP A 238 24.04 -9.22 3.26
C TRP A 238 25.19 -9.95 2.55
N GLU A 239 25.01 -11.24 2.29
CA GLU A 239 26.05 -12.03 1.64
C GLU A 239 26.36 -11.53 0.23
N LEU A 240 25.41 -10.81 -0.37
CA LEU A 240 25.60 -10.27 -1.70
C LEU A 240 26.82 -9.35 -1.77
N TRP A 241 26.97 -8.48 -0.78
CA TRP A 241 28.12 -7.57 -0.76
C TRP A 241 29.26 -8.02 0.15
N GLU A 242 28.95 -8.81 1.18
CA GLU A 242 30.00 -9.33 2.05
C GLU A 242 30.77 -10.44 1.35
N LYS A 243 30.17 -11.62 1.31
CA LYS A 243 30.79 -12.81 0.72
C LYS A 243 31.10 -12.65 -0.76
N LYS A 244 30.09 -12.24 -1.53
CA LYS A 244 30.19 -12.26 -2.98
C LYS A 244 30.78 -10.99 -3.58
N GLY A 245 31.00 -9.98 -2.75
CA GLY A 245 31.66 -8.75 -3.18
C GLY A 245 30.99 -8.03 -4.33
N LEU A 246 29.67 -8.18 -4.44
CA LEU A 246 28.89 -7.51 -5.47
C LEU A 246 28.62 -6.05 -5.11
N PRO A 247 28.51 -5.17 -6.12
CA PRO A 247 28.31 -3.75 -5.85
C PRO A 247 26.84 -3.44 -5.59
N VAL A 248 26.28 -4.04 -4.53
CA VAL A 248 24.87 -3.83 -4.22
C VAL A 248 24.71 -3.42 -2.77
N GLY A 249 23.54 -2.87 -2.43
CA GLY A 249 23.28 -2.42 -1.08
C GLY A 249 21.81 -2.38 -0.69
N THR A 250 21.56 -2.06 0.58
CA THR A 250 20.21 -1.96 1.10
C THR A 250 20.15 -0.69 1.93
N TRP A 251 18.98 -0.39 2.50
CA TRP A 251 18.86 0.82 3.29
C TRP A 251 19.83 0.76 4.47
N TYR A 252 19.76 -0.33 5.24
CA TYR A 252 20.67 -0.59 6.34
C TYR A 252 21.73 -1.61 5.93
N LYS A 253 22.97 -1.38 6.36
CA LYS A 253 24.03 -2.34 6.12
C LYS A 253 24.11 -3.42 7.21
N LYS A 254 23.24 -3.31 8.22
CA LYS A 254 23.17 -4.35 9.24
C LYS A 254 21.71 -4.69 9.55
N GLU A 255 21.52 -5.53 10.57
CA GLU A 255 20.21 -6.07 10.91
C GLU A 255 19.05 -5.12 11.19
N PRO A 256 18.19 -5.00 10.19
CA PRO A 256 16.91 -5.54 9.74
C PRO A 256 17.01 -5.47 8.20
N TYR A 257 18.05 -4.78 7.74
CA TYR A 257 18.36 -4.53 6.33
C TYR A 257 17.33 -3.69 5.58
N PHE A 258 16.08 -3.72 6.04
CA PHE A 258 14.99 -3.04 5.37
C PHE A 258 14.21 -2.19 6.36
N ILE A 259 13.78 -1.02 5.91
CA ILE A 259 12.85 -0.23 6.69
C ILE A 259 11.48 -0.88 6.57
N PRO A 260 10.54 -0.55 7.49
CA PRO A 260 9.23 -1.21 7.40
C PRO A 260 8.32 -0.59 6.34
N ASP A 261 7.52 -1.42 5.68
CA ASP A 261 6.56 -0.92 4.70
C ASP A 261 5.17 -0.73 5.30
N GLY A 262 4.73 -1.70 6.10
CA GLY A 262 3.39 -1.66 6.65
C GLY A 262 3.07 -2.91 7.47
N VAL A 263 1.82 -3.35 7.43
CA VAL A 263 1.40 -4.50 8.22
C VAL A 263 0.88 -5.63 7.33
N GLY A 264 1.55 -6.78 7.40
CA GLY A 264 1.13 -7.97 6.68
C GLY A 264 0.14 -8.75 7.51
N PHE A 265 -1.01 -9.07 6.91
CA PHE A 265 -2.07 -9.77 7.61
C PHE A 265 -2.19 -11.20 7.15
N VAL A 266 -2.60 -12.09 8.03
CA VAL A 266 -3.27 -13.29 7.59
C VAL A 266 -4.73 -12.87 7.48
N TYR A 267 -5.19 -12.62 6.25
CA TYR A 267 -6.56 -12.20 6.03
C TYR A 267 -7.48 -13.41 6.03
N VAL A 268 -8.59 -13.30 6.74
CA VAL A 268 -9.53 -14.40 6.85
C VAL A 268 -10.90 -13.98 6.33
N ASN A 269 -11.37 -14.64 5.29
CA ASN A 269 -12.61 -14.26 4.62
C ASN A 269 -13.82 -14.46 5.54
N ASN A 270 -14.44 -13.36 5.93
CA ASN A 270 -15.57 -13.41 6.87
C ASN A 270 -16.86 -14.04 6.34
N THR A 271 -16.95 -14.19 5.02
CA THR A 271 -18.21 -14.66 4.42
C THR A 271 -18.29 -16.18 4.28
N LYS A 272 -17.18 -16.86 4.56
CA LYS A 272 -17.12 -18.31 4.46
C LYS A 272 -17.58 -18.98 5.75
N PRO A 273 -18.31 -20.10 5.62
CA PRO A 273 -18.73 -20.86 6.80
C PRO A 273 -17.51 -21.36 7.59
N GLY A 274 -17.55 -21.20 8.90
CA GLY A 274 -16.40 -21.50 9.73
C GLY A 274 -15.56 -20.25 9.94
N LEU A 275 -14.98 -19.76 8.85
CA LEU A 275 -14.16 -18.55 8.91
C LEU A 275 -14.96 -17.33 9.36
N SER A 276 -16.29 -17.47 9.34
CA SER A 276 -17.20 -16.40 9.73
C SER A 276 -17.31 -16.29 11.25
N ASP A 277 -16.87 -17.32 11.94
CA ASP A 277 -16.90 -17.40 13.40
C ASP A 277 -15.65 -16.74 14.02
N PRO A 278 -15.86 -15.69 14.82
CA PRO A 278 -14.77 -14.96 15.47
C PRO A 278 -13.88 -15.88 16.30
N ALA A 279 -14.47 -16.90 16.91
CA ALA A 279 -13.74 -17.86 17.72
C ALA A 279 -12.74 -18.62 16.85
N VAL A 280 -13.15 -18.96 15.63
CA VAL A 280 -12.24 -19.66 14.72
C VAL A 280 -11.09 -18.74 14.32
N ARG A 281 -11.41 -17.48 14.03
CA ARG A 281 -10.39 -16.51 13.64
C ARG A 281 -9.43 -16.20 14.79
N LYS A 282 -9.95 -16.13 16.00
CA LYS A 282 -9.10 -15.99 17.19
C LYS A 282 -8.14 -17.17 17.32
N ALA A 283 -8.62 -18.37 17.04
CA ALA A 283 -7.80 -19.56 17.20
C ALA A 283 -6.68 -19.58 16.17
N ILE A 284 -6.96 -19.03 14.99
CA ILE A 284 -5.96 -18.93 13.94
C ILE A 284 -4.82 -18.01 14.38
N ALA A 285 -5.17 -16.92 15.05
CA ALA A 285 -4.18 -15.98 15.58
C ALA A 285 -3.19 -16.64 16.55
N TYR A 286 -3.67 -17.58 17.37
CA TYR A 286 -2.79 -18.25 18.32
C TYR A 286 -1.96 -19.38 17.70
N ALA A 287 -2.31 -19.77 16.48
CA ALA A 287 -1.64 -20.88 15.82
C ALA A 287 -0.58 -20.43 14.82
N ILE A 288 -0.39 -19.12 14.70
CA ILE A 288 0.65 -18.62 13.80
C ILE A 288 2.00 -18.68 14.52
N PRO A 289 2.96 -19.40 13.95
CA PRO A 289 4.27 -19.52 14.60
C PRO A 289 5.09 -18.26 14.33
N TYR A 290 4.73 -17.17 15.00
CA TYR A 290 5.25 -15.83 14.69
C TYR A 290 6.78 -15.74 14.66
N ASN A 291 7.42 -16.03 15.79
N ASN A 291 7.41 -16.02 15.81
CA ASN A 291 8.86 -15.87 15.89
CA ASN A 291 8.86 -15.90 15.92
C ASN A 291 9.63 -16.83 14.98
C ASN A 291 9.61 -16.83 14.98
N GLU A 292 9.22 -18.10 14.96
CA GLU A 292 9.93 -19.10 14.17
C GLU A 292 9.82 -18.83 12.68
N MET A 293 8.65 -18.41 12.22
CA MET A 293 8.47 -18.12 10.80
C MET A 293 9.16 -16.82 10.41
N LEU A 294 9.14 -15.83 11.29
CA LEU A 294 9.78 -14.55 10.97
C LEU A 294 11.30 -14.67 10.97
N LYS A 295 11.83 -15.52 11.83
CA LYS A 295 13.26 -15.80 11.84
C LYS A 295 13.68 -16.70 10.69
N LYS A 296 12.98 -17.81 10.49
CA LYS A 296 13.38 -18.79 9.47
C LYS A 296 12.98 -18.38 8.05
N ALA A 297 11.69 -18.18 7.84
CA ALA A 297 11.20 -17.83 6.51
C ALA A 297 11.54 -16.39 6.14
N TYR A 298 11.48 -15.48 7.11
CA TYR A 298 11.53 -14.03 6.82
C TYR A 298 12.87 -13.41 7.18
N PHE A 299 13.81 -14.25 7.65
CA PHE A 299 15.19 -13.83 7.91
C PHE A 299 15.34 -12.65 8.87
N GLY A 300 14.38 -12.47 9.78
CA GLY A 300 14.38 -11.33 10.66
C GLY A 300 14.32 -9.99 9.94
N TYR A 301 13.78 -9.98 8.72
CA TYR A 301 13.63 -8.74 7.97
C TYR A 301 12.42 -7.93 8.48
N GLY A 302 11.67 -8.52 9.39
CA GLY A 302 10.51 -7.86 9.97
C GLY A 302 10.14 -8.60 11.24
N SER A 303 9.34 -7.97 12.10
CA SER A 303 8.98 -8.56 13.37
C SER A 303 7.46 -8.66 13.53
N GLN A 304 7.03 -9.32 14.60
CA GLN A 304 5.60 -9.60 14.78
C GLN A 304 4.78 -8.32 15.02
N ALA A 305 3.64 -8.21 14.34
CA ALA A 305 2.81 -7.02 14.45
C ALA A 305 2.07 -7.01 15.79
N HIS A 306 1.73 -5.81 16.26
CA HIS A 306 0.89 -5.72 17.44
C HIS A 306 -0.55 -5.94 16.97
N PRO A 307 -1.36 -6.66 17.78
CA PRO A 307 -2.72 -7.00 17.34
C PRO A 307 -3.64 -5.78 17.21
N SER A 308 -3.22 -4.64 17.75
CA SER A 308 -4.00 -3.41 17.64
C SER A 308 -3.96 -2.82 16.23
N MET A 309 -3.12 -3.42 15.38
CA MET A 309 -2.88 -2.96 14.00
C MET A 309 -2.01 -1.70 13.97
N VAL A 310 -1.66 -1.19 15.15
CA VAL A 310 -0.77 -0.04 15.23
C VAL A 310 0.70 -0.48 15.06
N ILE A 311 1.39 0.19 14.14
CA ILE A 311 2.80 -0.10 13.89
C ILE A 311 3.67 0.49 15.00
N ASP A 312 3.97 -0.32 16.02
CA ASP A 312 4.68 0.19 17.20
C ASP A 312 6.21 0.24 17.07
N LEU A 313 6.71 0.03 15.86
CA LEU A 313 8.13 0.28 15.55
C LEU A 313 8.48 1.76 15.70
N PHE A 314 7.48 2.64 15.55
CA PHE A 314 7.71 4.07 15.65
C PHE A 314 7.11 4.63 16.94
N GLU A 315 7.96 5.23 17.77
CA GLU A 315 7.51 5.72 19.08
C GLU A 315 6.28 6.65 19.07
N PRO A 316 6.16 7.56 18.10
CA PRO A 316 4.96 8.42 18.14
C PRO A 316 3.61 7.70 17.98
N TYR A 317 3.60 6.47 17.48
CA TYR A 317 2.32 5.76 17.32
C TYR A 317 1.89 5.03 18.60
N LYS A 318 2.84 4.77 19.49
CA LYS A 318 2.55 3.97 20.69
C LYS A 318 1.42 4.50 21.58
N GLN A 319 1.16 5.80 21.50
CA GLN A 319 0.17 6.45 22.36
C GLN A 319 -1.24 6.02 21.96
N TYR A 320 -1.38 5.52 20.73
CA TYR A 320 -2.68 5.15 20.20
C TYR A 320 -3.02 3.70 20.51
N ILE A 321 -2.14 3.03 21.25
CA ILE A 321 -2.35 1.64 21.64
C ILE A 321 -2.77 1.55 23.09
N ASP A 322 -3.92 0.91 23.34
CA ASP A 322 -4.33 0.63 24.70
C ASP A 322 -3.55 -0.60 25.20
N TYR A 323 -2.35 -0.35 25.72
CA TYR A 323 -1.46 -1.44 26.11
C TYR A 323 -2.03 -2.32 27.22
N GLU A 324 -2.69 -1.72 28.20
CA GLU A 324 -3.24 -2.47 29.30
C GLU A 324 -4.42 -3.34 28.87
N LEU A 325 -5.13 -2.92 27.84
CA LEU A 325 -6.18 -3.76 27.27
C LEU A 325 -5.56 -4.95 26.54
N ALA A 326 -4.62 -4.67 25.66
CA ALA A 326 -3.91 -5.72 24.93
C ALA A 326 -3.18 -6.71 25.86
N LYS A 327 -2.57 -6.19 26.93
CA LYS A 327 -1.85 -7.04 27.87
C LYS A 327 -2.83 -7.92 28.66
N LYS A 328 -3.97 -7.34 29.01
CA LYS A 328 -5.02 -8.02 29.76
C LYS A 328 -5.67 -9.13 28.92
N THR A 329 -5.78 -8.89 27.61
CA THR A 329 -6.46 -9.83 26.72
C THR A 329 -5.57 -11.02 26.36
N PHE A 330 -4.29 -10.75 26.13
CA PHE A 330 -3.40 -11.77 25.60
C PHE A 330 -2.30 -12.21 26.56
N GLY A 331 -2.18 -11.53 27.70
CA GLY A 331 -1.29 -11.96 28.76
C GLY A 331 0.18 -12.00 28.40
N THR A 332 0.63 -11.02 27.62
CA THR A 332 2.04 -10.91 27.28
C THR A 332 2.53 -9.53 27.70
N GLU A 333 3.85 -9.36 27.78
CA GLU A 333 4.45 -8.11 28.23
C GLU A 333 3.92 -6.89 27.47
N ASP A 334 3.85 -7.00 26.15
CA ASP A 334 3.47 -5.86 25.31
C ASP A 334 2.09 -6.03 24.67
N GLY A 335 1.46 -7.16 24.94
CA GLY A 335 0.10 -7.38 24.48
C GLY A 335 0.01 -8.03 23.10
N ARG A 336 1.15 -8.46 22.57
CA ARG A 336 1.17 -9.22 21.33
C ARG A 336 0.57 -10.59 21.54
N ILE A 337 0.03 -11.18 20.48
CA ILE A 337 -0.55 -12.52 20.57
C ILE A 337 0.54 -13.58 20.54
N PRO A 338 0.55 -14.47 21.54
CA PRO A 338 1.59 -15.49 21.58
C PRO A 338 1.21 -16.71 20.75
N PHE A 339 2.20 -17.31 20.09
CA PHE A 339 2.00 -18.61 19.46
C PHE A 339 1.78 -19.64 20.57
N ASP A 340 0.65 -20.33 20.53
CA ASP A 340 0.25 -21.22 21.60
C ASP A 340 -0.85 -22.15 21.09
N LEU A 341 -0.46 -23.33 20.64
CA LEU A 341 -1.42 -24.29 20.11
C LEU A 341 -2.41 -24.78 21.18
N ASP A 342 -1.99 -24.79 22.44
CA ASP A 342 -2.88 -25.20 23.52
C ASP A 342 -4.07 -24.24 23.63
N MET A 343 -3.78 -22.95 23.55
CA MET A 343 -4.82 -21.93 23.64
C MET A 343 -5.73 -21.96 22.41
N ALA A 344 -5.13 -22.17 21.24
CA ALA A 344 -5.89 -22.27 20.00
C ALA A 344 -6.87 -23.44 20.08
N ASN A 345 -6.41 -24.55 20.65
CA ASN A 345 -7.27 -25.71 20.84
C ASN A 345 -8.38 -25.45 21.86
N LYS A 346 -8.01 -24.79 22.95
CA LYS A 346 -8.96 -24.45 24.00
C LYS A 346 -10.03 -23.48 23.48
N ILE A 347 -9.62 -22.49 22.69
CA ILE A 347 -10.58 -21.56 22.10
C ILE A 347 -11.58 -22.32 21.25
N LEU A 348 -11.07 -23.22 20.41
CA LEU A 348 -11.90 -24.09 19.59
C LEU A 348 -12.85 -24.97 20.41
N ASP A 349 -12.33 -25.61 21.46
CA ASP A 349 -13.12 -26.53 22.27
C ASP A 349 -14.25 -25.83 23.01
N GLU A 350 -13.98 -24.64 23.54
CA GLU A 350 -14.97 -23.89 24.29
C GLU A 350 -16.01 -23.21 23.39
N ALA A 351 -15.71 -23.18 22.10
CA ALA A 351 -16.65 -22.64 21.12
C ALA A 351 -17.49 -23.78 20.54
N GLY A 352 -17.25 -24.99 21.07
CA GLY A 352 -18.04 -26.14 20.71
C GLY A 352 -17.54 -26.92 19.51
N TYR A 353 -16.34 -26.57 19.04
CA TYR A 353 -15.75 -27.30 17.93
C TYR A 353 -15.12 -28.61 18.40
N LYS A 354 -15.48 -29.71 17.73
CA LYS A 354 -14.96 -31.03 18.06
C LYS A 354 -14.43 -31.73 16.81
N LYS A 355 -13.27 -32.35 16.92
CA LYS A 355 -12.69 -33.04 15.78
C LYS A 355 -13.53 -34.24 15.40
N GLY A 356 -13.88 -34.32 14.11
CA GLY A 356 -14.52 -35.50 13.57
C GLY A 356 -13.51 -36.62 13.45
N PRO A 357 -13.92 -37.74 12.82
CA PRO A 357 -13.05 -38.91 12.66
C PRO A 357 -11.79 -38.60 11.86
N ASP A 358 -11.86 -37.63 10.96
CA ASP A 358 -10.73 -37.30 10.10
C ASP A 358 -9.81 -36.23 10.69
N GLY A 359 -10.07 -35.84 11.93
CA GLY A 359 -9.25 -34.85 12.61
C GLY A 359 -9.76 -33.43 12.45
N VAL A 360 -10.58 -33.20 11.42
CA VAL A 360 -11.06 -31.86 11.11
C VAL A 360 -12.26 -31.46 11.98
N ARG A 361 -12.20 -30.27 12.57
CA ARG A 361 -13.22 -29.80 13.49
C ARG A 361 -14.61 -29.68 12.86
N VAL A 362 -15.64 -29.91 13.66
CA VAL A 362 -17.02 -29.62 13.29
C VAL A 362 -17.63 -28.75 14.38
N GLY A 363 -18.29 -27.66 13.98
CA GLY A 363 -18.92 -26.78 14.95
C GLY A 363 -20.17 -27.38 15.55
N PRO A 364 -20.71 -26.73 16.60
CA PRO A 364 -21.95 -27.18 17.24
C PRO A 364 -23.16 -27.01 16.31
N ASP A 365 -22.98 -26.29 15.20
CA ASP A 365 -24.04 -26.12 14.20
C ASP A 365 -23.84 -27.07 13.03
N GLY A 366 -22.80 -27.89 13.09
CA GLY A 366 -22.50 -28.85 12.04
C GLY A 366 -21.54 -28.34 10.99
N THR A 367 -21.07 -27.10 11.16
CA THR A 367 -20.11 -26.53 10.22
C THR A 367 -18.74 -27.17 10.41
N LYS A 368 -18.24 -27.80 9.35
CA LYS A 368 -16.91 -28.40 9.37
C LYS A 368 -15.91 -27.31 9.10
N LEU A 369 -14.80 -27.30 9.83
CA LEU A 369 -13.77 -26.29 9.55
C LEU A 369 -13.01 -26.67 8.29
N GLY A 370 -13.82 -27.12 7.33
CA GLY A 370 -13.65 -27.08 5.89
C GLY A 370 -12.38 -27.42 5.20
N PRO A 371 -12.48 -27.77 3.92
CA PRO A 371 -11.27 -27.70 3.10
C PRO A 371 -11.08 -26.23 2.74
N TYR A 372 -10.02 -25.63 3.26
CA TYR A 372 -9.70 -24.24 3.00
C TYR A 372 -8.35 -24.18 2.32
N THR A 373 -8.08 -23.09 1.62
CA THR A 373 -6.75 -22.87 1.11
C THR A 373 -6.17 -21.59 1.71
N ILE A 374 -4.85 -21.56 1.88
CA ILE A 374 -4.17 -20.33 2.21
C ILE A 374 -3.32 -20.02 0.98
N SER A 375 -3.48 -18.81 0.45
CA SER A 375 -2.93 -18.49 -0.85
C SER A 375 -2.09 -17.22 -0.86
N VAL A 376 -0.97 -17.28 -1.58
CA VAL A 376 -0.14 -16.13 -1.89
C VAL A 376 0.36 -16.37 -3.31
N PRO A 377 0.86 -15.31 -3.98
CA PRO A 377 1.28 -15.48 -5.37
C PRO A 377 2.45 -16.44 -5.53
N TYR A 378 2.44 -17.20 -6.61
CA TYR A 378 3.54 -18.10 -6.93
C TYR A 378 4.83 -17.31 -7.05
N GLY A 379 5.91 -17.87 -6.55
CA GLY A 379 7.21 -17.23 -6.68
C GLY A 379 7.59 -16.34 -5.50
N TRP A 380 6.63 -16.03 -4.66
CA TRP A 380 6.90 -15.22 -3.47
C TRP A 380 7.35 -16.16 -2.35
N THR A 381 8.60 -16.58 -2.43
CA THR A 381 9.10 -17.70 -1.64
C THR A 381 8.99 -17.55 -0.12
N ASP A 382 9.23 -16.35 0.40
CA ASP A 382 9.11 -16.13 1.84
C ASP A 382 7.67 -16.33 2.30
N TRP A 383 6.72 -15.72 1.58
CA TRP A 383 5.31 -15.86 1.92
C TRP A 383 4.81 -17.29 1.73
N MET A 384 5.32 -17.97 0.72
CA MET A 384 4.99 -19.38 0.49
C MET A 384 5.41 -20.23 1.70
N MET A 385 6.66 -20.06 2.14
CA MET A 385 7.15 -20.82 3.28
C MET A 385 6.33 -20.52 4.53
N MET A 386 6.04 -19.23 4.77
CA MET A 386 5.19 -18.86 5.89
C MET A 386 3.81 -19.51 5.77
N CYS A 387 3.27 -19.57 4.55
CA CYS A 387 2.00 -20.25 4.34
C CYS A 387 2.05 -21.73 4.70
N GLU A 388 3.14 -22.40 4.31
CA GLU A 388 3.31 -23.81 4.64
C GLU A 388 3.34 -24.01 6.16
N MET A 389 4.08 -23.15 6.85
CA MET A 389 4.20 -23.23 8.31
C MET A 389 2.88 -22.95 9.02
N ILE A 390 2.15 -21.94 8.54
CA ILE A 390 0.84 -21.62 9.11
C ILE A 390 -0.15 -22.75 8.85
N ALA A 391 -0.21 -23.23 7.62
CA ALA A 391 -1.13 -24.31 7.24
C ALA A 391 -0.90 -25.59 8.06
N LYS A 392 0.35 -25.95 8.28
CA LYS A 392 0.67 -27.14 9.06
C LYS A 392 0.12 -27.02 10.47
N ASN A 393 0.31 -25.87 11.11
CA ASN A 393 -0.19 -25.67 12.46
C ASN A 393 -1.72 -25.67 12.54
N LEU A 394 -2.36 -25.22 11.47
CA LEU A 394 -3.81 -25.17 11.43
C LEU A 394 -4.39 -26.58 11.25
N ARG A 395 -3.81 -27.36 10.36
CA ARG A 395 -4.19 -28.76 10.20
C ARG A 395 -4.08 -29.52 11.54
N SER A 396 -3.06 -29.19 12.32
N SER A 396 -3.08 -29.19 12.35
CA SER A 396 -2.82 -29.83 13.62
CA SER A 396 -2.86 -29.89 13.61
C SER A 396 -3.98 -29.62 14.58
C SER A 396 -3.94 -29.60 14.65
N ILE A 397 -4.59 -28.44 14.55
CA ILE A 397 -5.71 -28.13 15.45
C ILE A 397 -7.07 -28.45 14.83
N GLY A 398 -7.06 -29.13 13.69
CA GLY A 398 -8.28 -29.60 13.07
C GLY A 398 -8.93 -28.60 12.13
N ILE A 399 -8.14 -27.65 11.63
CA ILE A 399 -8.59 -26.75 10.59
C ILE A 399 -7.90 -27.14 9.29
N ASP A 400 -8.66 -27.78 8.39
CA ASP A 400 -8.09 -28.35 7.18
C ASP A 400 -7.68 -27.29 6.16
N VAL A 401 -6.43 -26.84 6.25
CA VAL A 401 -5.91 -25.81 5.37
C VAL A 401 -4.69 -26.30 4.59
N LYS A 402 -4.74 -26.15 3.28
N LYS A 402 -4.75 -26.18 3.27
CA LYS A 402 -3.61 -26.48 2.41
CA LYS A 402 -3.60 -26.47 2.41
C LYS A 402 -3.20 -25.23 1.62
C LYS A 402 -3.17 -25.21 1.67
N THR A 403 -1.94 -25.19 1.18
CA THR A 403 -1.43 -24.04 0.46
C THR A 403 -1.78 -24.11 -1.02
N GLU A 404 -1.89 -22.95 -1.64
CA GLU A 404 -2.13 -22.85 -3.07
C GLU A 404 -1.49 -21.56 -3.57
N PHE A 405 -0.71 -21.65 -4.63
CA PHE A 405 0.09 -20.53 -5.12
C PHE A 405 -0.17 -20.21 -6.59
N PRO A 406 -1.28 -19.53 -6.89
CA PRO A 406 -1.56 -19.18 -8.29
C PRO A 406 -0.71 -18.00 -8.77
N ASP A 407 -0.70 -17.74 -10.08
CA ASP A 407 -0.06 -16.53 -10.61
C ASP A 407 -0.60 -15.31 -9.88
N PHE A 408 0.20 -14.26 -9.82
CA PHE A 408 -0.20 -13.03 -9.14
C PHE A 408 -1.60 -12.53 -9.54
N SER A 409 -1.84 -12.48 -10.85
N SER A 409 -1.84 -12.48 -10.84
CA SER A 409 -3.08 -11.94 -11.38
CA SER A 409 -3.09 -11.91 -11.34
C SER A 409 -4.28 -12.69 -10.83
C SER A 409 -4.31 -12.69 -10.83
N VAL A 410 -4.20 -14.01 -10.85
CA VAL A 410 -5.25 -14.87 -10.30
C VAL A 410 -5.40 -14.65 -8.80
N TRP A 411 -4.26 -14.55 -8.11
CA TRP A 411 -4.27 -14.31 -6.67
C TRP A 411 -4.93 -12.98 -6.36
N ALA A 412 -4.50 -11.93 -7.06
CA ALA A 412 -5.09 -10.60 -6.92
C ALA A 412 -6.59 -10.60 -7.23
N ASP A 413 -7.00 -11.40 -8.22
CA ASP A 413 -8.42 -11.48 -8.58
C ASP A 413 -9.27 -12.01 -7.42
N ARG A 414 -8.86 -13.15 -6.86
CA ARG A 414 -9.57 -13.76 -5.74
C ARG A 414 -9.50 -12.93 -4.47
N MET A 415 -8.39 -12.22 -4.27
CA MET A 415 -8.26 -11.35 -3.10
C MET A 415 -9.27 -10.20 -3.20
N THR A 416 -9.29 -9.51 -4.34
CA THR A 416 -10.10 -8.31 -4.44
C THR A 416 -11.60 -8.59 -4.56
N LYS A 417 -11.94 -9.74 -5.15
CA LYS A 417 -13.35 -10.13 -5.27
C LYS A 417 -13.81 -10.94 -4.07
N GLY A 418 -12.89 -11.20 -3.14
CA GLY A 418 -13.25 -11.83 -1.89
C GLY A 418 -13.73 -13.26 -2.04
N THR A 419 -13.10 -14.01 -2.94
CA THR A 419 -13.42 -15.43 -3.08
C THR A 419 -12.40 -16.35 -2.40
N PHE A 420 -11.38 -15.77 -1.78
CA PHE A 420 -10.35 -16.55 -1.07
C PHE A 420 -10.86 -17.12 0.25
N ASP A 421 -10.05 -17.98 0.88
CA ASP A 421 -10.34 -18.43 2.23
C ASP A 421 -9.40 -17.72 3.20
N LEU A 422 -8.12 -18.05 3.10
CA LEU A 422 -7.07 -17.35 3.84
C LEU A 422 -6.01 -16.90 2.87
N ILE A 423 -5.45 -15.73 3.14
CA ILE A 423 -4.32 -15.25 2.36
C ILE A 423 -3.39 -14.54 3.30
N ILE A 424 -2.14 -14.38 2.89
CA ILE A 424 -1.30 -13.36 3.47
C ILE A 424 -1.35 -12.19 2.48
N SER A 425 -1.55 -10.98 3.00
CA SER A 425 -1.46 -9.82 2.13
C SER A 425 -1.10 -8.57 2.92
N TRP A 426 -0.97 -7.46 2.22
CA TRP A 426 -0.56 -6.22 2.84
C TRP A 426 -1.76 -5.43 3.33
N SER A 427 -1.50 -4.21 3.79
CA SER A 427 -2.57 -3.33 4.24
C SER A 427 -2.13 -1.91 3.98
N VAL A 428 -1.76 -1.19 5.03
CA VAL A 428 -1.15 0.13 4.85
C VAL A 428 -0.01 0.29 5.84
N GLY A 429 0.70 1.40 5.73
CA GLY A 429 1.90 1.60 6.52
C GLY A 429 1.86 2.86 7.33
N PRO A 430 3.04 3.35 7.76
CA PRO A 430 3.16 4.58 8.53
C PRO A 430 2.66 5.76 7.68
N SER A 431 2.00 6.72 8.32
CA SER A 431 1.44 7.86 7.61
C SER A 431 1.03 8.92 8.61
N PHE A 432 0.74 10.13 8.11
CA PHE A 432 0.41 11.24 8.99
C PHE A 432 -0.85 10.90 9.79
N ASP A 433 -1.71 10.10 9.20
CA ASP A 433 -2.98 9.79 9.83
C ASP A 433 -3.00 8.38 10.41
N HIS A 434 -1.82 7.79 10.59
CA HIS A 434 -1.77 6.42 11.04
C HIS A 434 -2.00 6.16 12.51
N PRO A 435 -3.15 5.57 12.80
CA PRO A 435 -3.67 4.23 13.05
C PRO A 435 -5.00 4.25 12.29
N PHE A 436 -5.52 5.46 12.05
CA PHE A 436 -6.78 5.62 11.33
C PHE A 436 -6.73 5.02 9.93
N ASN A 437 -5.63 5.25 9.23
CA ASN A 437 -5.49 4.73 7.87
C ASN A 437 -5.66 3.21 7.83
N ILE A 438 -5.14 2.50 8.83
CA ILE A 438 -5.25 1.04 8.83
C ILE A 438 -6.64 0.55 9.24
N TYR A 439 -7.26 1.22 10.20
CA TYR A 439 -8.64 0.88 10.57
C TYR A 439 -9.59 1.12 9.40
N ARG A 440 -9.42 2.27 8.74
CA ARG A 440 -10.19 2.59 7.54
C ARG A 440 -9.98 1.54 6.45
N PHE A 441 -8.73 1.17 6.21
CA PHE A 441 -8.40 0.21 5.14
C PHE A 441 -8.85 -1.23 5.41
N VAL A 442 -8.70 -1.70 6.65
CA VAL A 442 -8.95 -3.10 6.95
C VAL A 442 -10.36 -3.38 7.45
N LEU A 443 -10.92 -2.46 8.23
CA LEU A 443 -12.16 -2.70 8.96
C LEU A 443 -13.44 -2.07 8.39
N ASP A 444 -13.31 -1.17 7.42
CA ASP A 444 -14.47 -0.37 6.95
C ASP A 444 -15.27 -1.02 5.81
N LYS A 445 -16.50 -1.44 6.11
CA LYS A 445 -17.38 -2.07 5.13
C LYS A 445 -17.70 -1.18 3.92
N ARG A 446 -17.57 0.13 4.09
CA ARG A 446 -17.86 1.09 3.02
C ARG A 446 -16.84 1.00 1.88
N LEU A 447 -15.64 0.52 2.19
CA LEU A 447 -14.59 0.38 1.18
C LEU A 447 -14.61 -0.99 0.54
N SER A 448 -15.36 -1.90 1.12
CA SER A 448 -15.46 -3.25 0.57
C SER A 448 -16.46 -3.26 -0.59
N LYS A 449 -16.56 -4.40 -1.26
CA LYS A 449 -17.56 -4.63 -2.30
C LYS A 449 -18.16 -6.01 -2.05
N PRO A 450 -19.34 -6.29 -2.65
CA PRO A 450 -19.90 -7.64 -2.52
C PRO A 450 -18.92 -8.70 -3.03
N VAL A 451 -19.07 -9.93 -2.56
CA VAL A 451 -18.29 -11.04 -3.07
C VAL A 451 -18.49 -11.16 -4.58
N GLY A 452 -17.40 -11.16 -5.34
CA GLY A 452 -17.49 -11.25 -6.78
C GLY A 452 -17.13 -9.95 -7.46
N GLU A 453 -17.16 -8.85 -6.70
CA GLU A 453 -16.78 -7.54 -7.23
C GLU A 453 -15.43 -7.07 -6.69
N VAL A 454 -14.64 -6.47 -7.58
CA VAL A 454 -13.30 -6.00 -7.24
C VAL A 454 -13.30 -4.83 -6.27
N THR A 455 -12.53 -4.95 -5.20
CA THR A 455 -12.20 -3.80 -4.37
C THR A 455 -10.71 -3.77 -4.05
N TRP A 456 -10.08 -2.64 -4.35
CA TRP A 456 -8.69 -2.40 -3.99
C TRP A 456 -8.66 -1.38 -2.86
N ALA A 457 -9.82 -0.84 -2.52
CA ALA A 457 -9.89 0.25 -1.55
C ALA A 457 -9.85 -0.23 -0.09
N GLY A 458 -10.16 -1.50 0.13
CA GLY A 458 -10.04 -2.05 1.47
C GLY A 458 -11.00 -3.18 1.83
N ASP A 459 -10.81 -3.74 3.02
CA ASP A 459 -11.70 -4.75 3.60
C ASP A 459 -11.91 -5.91 2.64
N TRP A 460 -10.81 -6.44 2.11
CA TRP A 460 -10.84 -7.63 1.27
C TRP A 460 -11.57 -8.77 1.97
N GLU A 461 -11.50 -8.81 3.30
CA GLU A 461 -12.07 -9.92 4.07
C GLU A 461 -13.58 -9.79 4.26
N ARG A 462 -14.14 -8.67 3.79
CA ARG A 462 -15.58 -8.43 3.84
C ARG A 462 -16.11 -8.47 5.27
N TYR A 463 -15.33 -7.88 6.18
CA TYR A 463 -15.74 -7.70 7.56
C TYR A 463 -16.88 -6.68 7.57
N ASP A 464 -17.92 -6.95 8.35
CA ASP A 464 -19.13 -6.12 8.34
C ASP A 464 -19.48 -5.67 9.76
N ASN A 465 -19.24 -4.39 10.06
CA ASN A 465 -19.49 -3.88 11.40
C ASN A 465 -19.84 -2.39 11.42
N ASP A 466 -21.08 -2.09 11.77
CA ASP A 466 -21.55 -0.71 11.75
C ASP A 466 -20.90 0.14 12.84
N GLU A 467 -20.54 -0.47 13.96
CA GLU A 467 -19.97 0.32 15.05
C GLU A 467 -18.63 0.93 14.64
N VAL A 468 -17.82 0.16 13.92
CA VAL A 468 -16.55 0.67 13.43
C VAL A 468 -16.77 1.87 12.53
N VAL A 469 -17.83 1.82 11.72
CA VAL A 469 -18.17 2.94 10.84
C VAL A 469 -18.44 4.19 11.68
N GLU A 470 -19.27 4.07 12.70
CA GLU A 470 -19.58 5.17 13.60
C GLU A 470 -18.33 5.71 14.28
N LEU A 471 -17.44 4.80 14.68
CA LEU A 471 -16.21 5.18 15.37
C LEU A 471 -15.27 5.98 14.49
N LEU A 472 -15.08 5.53 13.25
CA LEU A 472 -14.27 6.26 12.28
C LEU A 472 -14.89 7.62 11.92
N ASP A 473 -16.22 7.71 11.93
CA ASP A 473 -16.92 8.96 11.60
C ASP A 473 -16.81 9.98 12.73
N LYS A 474 -16.41 9.50 13.90
CA LYS A 474 -16.29 10.35 15.09
C LYS A 474 -14.82 10.59 15.42
N ALA A 475 -13.98 9.63 15.04
CA ALA A 475 -12.57 9.62 15.44
C ALA A 475 -11.84 10.95 15.25
N VAL A 476 -12.11 11.62 14.13
CA VAL A 476 -11.44 12.89 13.86
C VAL A 476 -12.44 14.01 13.61
N SER A 477 -13.52 14.04 14.37
CA SER A 477 -14.49 15.13 14.29
C SER A 477 -13.92 16.40 14.91
N THR A 478 -12.86 16.24 15.70
CA THR A 478 -12.08 17.37 16.22
C THR A 478 -10.61 16.97 16.21
N LEU A 479 -9.72 17.95 16.25
CA LEU A 479 -8.29 17.66 16.18
C LEU A 479 -7.70 17.21 17.53
N ASP A 480 -8.53 17.21 18.56
CA ASP A 480 -8.09 16.80 19.90
C ASP A 480 -7.60 15.35 19.88
N PRO A 481 -6.30 15.15 20.14
CA PRO A 481 -5.69 13.81 20.14
C PRO A 481 -6.44 12.84 21.03
N GLU A 482 -7.06 13.34 22.08
CA GLU A 482 -7.76 12.49 23.03
C GLU A 482 -8.98 11.80 22.41
N VAL A 483 -9.71 12.51 21.56
CA VAL A 483 -10.89 11.97 20.88
C VAL A 483 -10.50 10.84 19.93
N ARG A 484 -9.49 11.09 19.11
CA ARG A 484 -8.86 10.11 18.25
C ARG A 484 -8.44 8.86 19.05
N LYS A 485 -7.72 9.11 20.14
CA LYS A 485 -7.18 8.04 20.98
C LYS A 485 -8.29 7.10 21.49
N GLN A 486 -9.35 7.70 22.03
CA GLN A 486 -10.46 6.92 22.58
C GLN A 486 -11.16 6.08 21.52
N ALA A 487 -11.31 6.62 20.32
CA ALA A 487 -11.91 5.87 19.22
C ALA A 487 -11.02 4.69 18.80
N TYR A 488 -9.71 4.91 18.78
CA TYR A 488 -8.76 3.82 18.53
C TYR A 488 -8.87 2.73 19.62
N PHE A 489 -9.08 3.15 20.86
CA PHE A 489 -9.18 2.19 21.96
C PHE A 489 -10.39 1.29 21.83
N ARG A 490 -11.53 1.86 21.45
CA ARG A 490 -12.75 1.07 21.28
C ARG A 490 -12.61 0.15 20.06
N ILE A 491 -11.94 0.65 19.03
CA ILE A 491 -11.72 -0.16 17.83
C ILE A 491 -10.88 -1.37 18.20
N GLN A 492 -9.87 -1.17 19.03
CA GLN A 492 -9.02 -2.26 19.49
C GLN A 492 -9.79 -3.32 20.30
N GLN A 493 -10.76 -2.89 21.09
CA GLN A 493 -11.63 -3.82 21.81
C GLN A 493 -12.39 -4.68 20.80
N ILE A 494 -12.93 -4.02 19.77
CA ILE A 494 -13.68 -4.68 18.70
C ILE A 494 -12.81 -5.66 17.92
N ILE A 495 -11.57 -5.27 17.65
CA ILE A 495 -10.62 -6.13 16.95
C ILE A 495 -10.35 -7.41 17.73
N TYR A 496 -10.26 -7.31 19.05
CA TYR A 496 -9.92 -8.48 19.87
C TYR A 496 -11.16 -9.37 20.04
N ARG A 497 -12.33 -8.76 20.13
CA ARG A 497 -13.57 -9.51 20.21
C ARG A 497 -13.91 -10.22 18.90
N ASP A 498 -13.64 -9.54 17.77
CA ASP A 498 -14.05 -10.06 16.46
C ASP A 498 -12.95 -10.74 15.64
N MET A 499 -11.69 -10.38 15.90
CA MET A 499 -10.55 -10.84 15.10
C MET A 499 -10.86 -10.90 13.59
N PRO A 500 -11.20 -9.74 13.00
CA PRO A 500 -11.69 -9.66 11.61
C PRO A 500 -10.66 -10.24 10.65
N SER A 501 -9.40 -10.00 10.97
CA SER A 501 -8.27 -10.64 10.33
C SER A 501 -7.06 -10.45 11.22
N ILE A 502 -6.00 -11.22 10.99
CA ILE A 502 -4.89 -11.25 11.93
C ILE A 502 -3.70 -10.42 11.46
N PRO A 503 -3.36 -9.37 12.22
CA PRO A 503 -2.12 -8.61 11.98
C PRO A 503 -0.95 -9.48 12.40
N ALA A 504 -0.16 -9.95 11.45
CA ALA A 504 0.84 -10.96 11.75
C ALA A 504 2.25 -10.40 11.90
N PHE A 505 2.69 -9.62 10.91
CA PHE A 505 4.04 -9.10 10.92
C PHE A 505 4.15 -7.75 10.22
N TYR A 506 5.23 -7.03 10.52
CA TYR A 506 5.50 -5.78 9.84
C TYR A 506 6.26 -6.12 8.57
N THR A 507 5.62 -5.90 7.43
CA THR A 507 6.23 -6.19 6.14
C THR A 507 7.48 -5.35 5.93
N ALA A 508 8.46 -5.92 5.25
CA ALA A 508 9.67 -5.17 4.92
C ALA A 508 9.42 -4.35 3.65
N HIS A 509 10.01 -3.16 3.62
CA HIS A 509 9.95 -2.28 2.46
C HIS A 509 11.08 -2.75 1.54
N TRP A 510 10.86 -3.87 0.84
CA TRP A 510 11.90 -4.50 0.01
C TRP A 510 12.56 -3.47 -0.89
N TYR A 511 13.88 -3.37 -0.76
CA TYR A 511 14.62 -2.34 -1.46
C TYR A 511 16.09 -2.72 -1.52
N GLU A 512 16.56 -2.99 -2.73
CA GLU A 512 17.98 -3.26 -2.96
C GLU A 512 18.39 -2.51 -4.22
N TYR A 513 19.65 -2.11 -4.28
CA TYR A 513 20.12 -1.39 -5.44
C TYR A 513 21.48 -1.89 -5.88
N SER A 514 21.77 -1.71 -7.16
CA SER A 514 23.10 -1.95 -7.70
C SER A 514 23.71 -0.60 -8.07
N THR A 515 24.99 -0.42 -7.75
CA THR A 515 25.69 0.82 -8.10
C THR A 515 26.45 0.69 -9.42
N LYS A 516 26.11 -0.31 -10.23
CA LYS A 516 26.84 -0.56 -11.47
C LYS A 516 26.67 0.59 -12.47
N TYR A 517 25.44 1.09 -12.60
CA TYR A 517 25.15 2.17 -13.55
C TYR A 517 24.56 3.40 -12.86
N TRP A 518 23.99 3.21 -11.68
CA TRP A 518 23.32 4.29 -10.98
C TRP A 518 23.83 4.46 -9.54
N ILE A 519 23.99 5.70 -9.11
CA ILE A 519 24.53 6.01 -7.80
C ILE A 519 23.64 6.96 -7.02
N ASN A 520 24.03 7.24 -5.79
CA ASN A 520 23.28 8.10 -4.87
C ASN A 520 21.89 7.54 -4.54
N TRP A 521 21.79 6.22 -4.50
CA TRP A 521 20.55 5.59 -4.07
C TRP A 521 20.24 6.03 -2.65
N PRO A 522 18.95 6.22 -2.35
CA PRO A 522 18.60 6.48 -0.96
C PRO A 522 19.03 5.32 -0.04
N SER A 523 19.46 5.65 1.18
CA SER A 523 19.83 4.65 2.18
C SER A 523 19.94 5.34 3.52
N GLU A 524 20.29 4.58 4.56
CA GLU A 524 20.51 5.16 5.88
C GLU A 524 21.57 6.25 5.82
N ASP A 525 22.58 6.05 4.97
CA ASP A 525 23.64 7.04 4.76
C ASP A 525 23.15 8.24 3.95
N ASN A 526 22.27 7.98 2.99
CA ASN A 526 21.75 9.02 2.09
C ASN A 526 20.23 9.09 2.15
N PRO A 527 19.69 9.51 3.31
CA PRO A 527 18.24 9.40 3.56
C PRO A 527 17.42 10.46 2.82
N ALA A 528 17.58 10.53 1.51
CA ALA A 528 16.95 11.57 0.70
C ALA A 528 15.46 11.31 0.49
N TRP A 529 15.08 10.03 0.41
CA TRP A 529 13.67 9.64 0.25
C TRP A 529 13.40 8.32 0.99
N PHE A 530 12.31 8.31 1.74
CA PHE A 530 12.04 7.23 2.69
C PHE A 530 11.07 6.17 2.17
N ARG A 531 10.54 6.35 0.96
CA ARG A 531 9.83 5.25 0.28
C ARG A 531 10.46 4.91 -1.08
N PRO A 532 11.69 4.37 -1.08
CA PRO A 532 12.39 4.14 -2.35
C PRO A 532 12.14 2.79 -3.02
N SER A 533 11.35 1.90 -2.42
CA SER A 533 11.04 0.61 -3.05
C SER A 533 10.31 0.83 -4.38
N PRO A 534 10.74 0.11 -5.44
CA PRO A 534 10.21 0.37 -6.79
C PRO A 534 8.71 0.13 -6.93
N TRP A 535 8.14 -0.74 -6.09
CA TRP A 535 6.70 -1.00 -6.15
C TRP A 535 5.84 -0.08 -5.28
N HIS A 536 6.46 0.74 -4.44
CA HIS A 536 5.68 1.58 -3.55
C HIS A 536 4.88 2.66 -4.28
N ALA A 537 3.68 2.96 -3.79
CA ALA A 537 2.84 3.99 -4.38
C ALA A 537 3.54 5.36 -4.47
N ASP A 538 4.54 5.56 -3.62
CA ASP A 538 5.21 6.86 -3.52
C ASP A 538 6.70 6.83 -3.86
N ALA A 539 7.09 5.95 -4.79
CA ALA A 539 8.50 5.75 -5.11
C ALA A 539 9.12 6.80 -6.01
N TRP A 540 8.29 7.57 -6.71
CA TRP A 540 8.77 8.39 -7.83
C TRP A 540 9.97 9.35 -7.58
N PRO A 541 10.06 10.00 -6.39
CA PRO A 541 11.20 10.90 -6.20
C PRO A 541 12.57 10.22 -6.30
N THR A 542 12.61 8.92 -6.01
CA THR A 542 13.84 8.14 -6.12
C THR A 542 14.53 8.35 -7.46
N LEU A 543 13.72 8.49 -8.51
CA LEU A 543 14.25 8.58 -9.87
C LEU A 543 14.89 9.95 -10.12
N PHE A 544 14.55 10.91 -9.28
CA PHE A 544 15.11 12.26 -9.36
C PHE A 544 16.37 12.41 -8.51
N ILE A 545 16.62 11.44 -7.62
CA ILE A 545 17.73 11.53 -6.70
C ILE A 545 18.97 10.82 -7.24
N ILE A 546 18.78 9.65 -7.84
CA ILE A 546 19.89 8.86 -8.39
C ILE A 546 20.54 9.56 -9.58
N SER A 547 21.81 9.25 -9.83
CA SER A 547 22.55 9.82 -10.96
C SER A 547 23.22 8.68 -11.70
N LYS A 548 23.52 8.91 -12.98
CA LYS A 548 24.35 7.96 -13.72
C LYS A 548 25.74 7.95 -13.09
N LYS A 549 26.40 6.79 -13.10
CA LYS A 549 27.73 6.70 -12.53
C LYS A 549 28.72 7.60 -13.28
N SER A 550 28.59 7.65 -14.60
CA SER A 550 29.50 8.43 -15.44
C SER A 550 29.34 9.94 -15.28
N ASP A 551 28.25 10.38 -14.66
CA ASP A 551 27.98 11.80 -14.52
C ASP A 551 27.12 12.11 -13.29
N PRO A 552 27.76 12.18 -12.12
CA PRO A 552 27.04 12.45 -10.87
C PRO A 552 26.32 13.79 -10.88
N GLN A 553 25.08 13.79 -10.38
CA GLN A 553 24.30 15.01 -10.24
C GLN A 553 24.01 15.21 -8.76
N PRO A 554 23.79 16.47 -8.35
CA PRO A 554 23.51 16.70 -6.93
C PRO A 554 22.06 16.34 -6.59
N VAL A 555 21.80 16.07 -5.32
CA VAL A 555 20.45 15.84 -4.83
C VAL A 555 19.59 17.07 -5.13
N PRO A 556 18.39 16.86 -5.70
CA PRO A 556 17.45 17.93 -6.04
C PRO A 556 17.25 18.96 -4.94
N SER A 557 17.17 20.23 -5.32
CA SER A 557 17.08 21.33 -4.38
C SER A 557 15.71 21.43 -3.73
N TRP A 558 14.69 20.86 -4.38
CA TRP A 558 13.31 20.97 -3.89
C TRP A 558 13.01 20.04 -2.72
N LEU A 559 13.77 18.96 -2.59
CA LEU A 559 13.65 18.07 -1.44
C LEU A 559 14.07 18.81 -0.17
N GLY A 560 13.32 18.59 0.91
CA GLY A 560 13.52 19.32 2.15
C GLY A 560 12.33 20.23 2.43
N THR A 561 12.12 20.59 3.69
CA THR A 561 11.05 21.53 4.04
C THR A 561 11.38 22.96 3.56
N VAL A 562 10.37 23.83 3.59
CA VAL A 562 10.55 25.23 3.23
C VAL A 562 11.64 25.88 4.08
N ASP A 563 11.67 25.53 5.36
CA ASP A 563 12.65 26.08 6.30
C ASP A 563 14.07 25.59 6.05
N GLU A 564 14.22 24.53 5.26
CA GLU A 564 15.54 23.99 4.98
C GLU A 564 16.01 24.33 3.57
N GLY A 565 15.24 25.18 2.88
CA GLY A 565 15.56 25.54 1.52
C GLY A 565 14.77 24.77 0.48
N GLY A 566 14.02 23.76 0.91
CA GLY A 566 13.21 22.96 0.01
C GLY A 566 11.83 23.56 -0.23
N ILE A 567 10.93 22.76 -0.78
CA ILE A 567 9.58 23.24 -1.10
C ILE A 567 8.50 22.48 -0.36
N GLU A 568 8.91 21.57 0.53
CA GLU A 568 7.95 20.71 1.19
C GLU A 568 7.32 21.35 2.41
N ILE A 569 6.04 21.07 2.61
CA ILE A 569 5.26 21.74 3.64
C ILE A 569 5.01 20.76 4.76
N PRO A 570 5.57 21.04 5.96
CA PRO A 570 5.39 20.18 7.13
C PRO A 570 3.91 19.95 7.41
N THR A 571 3.57 18.72 7.81
CA THR A 571 2.20 18.40 8.20
C THR A 571 1.76 19.33 9.32
N ALA A 572 2.71 19.72 10.17
CA ALA A 572 2.44 20.60 11.30
C ALA A 572 1.95 21.96 10.82
N LYS A 573 2.54 22.45 9.74
CA LYS A 573 2.17 23.74 9.17
C LYS A 573 0.73 23.68 8.64
N ILE A 574 0.35 22.52 8.10
CA ILE A 574 -0.99 22.35 7.56
C ILE A 574 -2.08 22.33 8.65
N PHE A 575 -1.83 21.60 9.73
CA PHE A 575 -2.76 21.58 10.86
C PHE A 575 -2.82 22.92 11.59
N GLU A 576 -1.71 23.65 11.55
CA GLU A 576 -1.67 25.00 12.11
C GLU A 576 -2.62 25.92 11.34
N ASP A 577 -2.61 25.81 10.02
CA ASP A 577 -3.48 26.63 9.18
C ASP A 577 -4.93 26.23 9.35
N LEU A 578 -5.17 24.93 9.51
CA LEU A 578 -6.50 24.42 9.78
C LEU A 578 -7.05 25.03 11.08
N GLN A 579 -6.23 24.97 12.13
CA GLN A 579 -6.59 25.54 13.43
C GLN A 579 -6.80 27.06 13.34
N LYS A 580 -6.00 27.73 12.53
CA LYS A 580 -6.07 29.17 12.37
C LYS A 580 -7.34 29.58 11.60
N ALA A 581 -7.91 28.62 10.89
CA ALA A 581 -9.11 28.87 10.09
C ALA A 581 -10.40 28.59 10.86
N THR A 582 -10.43 28.97 12.14
CA THR A 582 -11.62 28.79 12.96
C THR A 582 -12.00 30.06 13.70
#